data_5IHV
#
_entry.id   5IHV
#
_cell.length_a   49.260
_cell.length_b   63.080
_cell.length_c   73.850
_cell.angle_alpha   90.000
_cell.angle_beta   90.000
_cell.angle_gamma   90.000
#
_symmetry.space_group_name_H-M   'P 21 21 21'
#
loop_
_entity.id
_entity.type
_entity.pdbx_description
1 polymer Beta-lactamase
2 non-polymer 1,2-ETHANEDIOL
3 water water
#
_entity_poly.entity_id   1
_entity_poly.type   'polypeptide(L)'
_entity_poly.pdbx_seq_one_letter_code
;MAHHHHHHAELAALEKASNGRLGIAVLDTSNGTRIAHHARERFPLCGTYAVVAAAAILARGSLDASLLPRRILYRRYEVV
AGSPVTESHVDTGMTIAQLCAAMLQSGDKGAGNLLMRVLGGPQAVTSFAHESGDTVFRLDRWEPELNLAAPGDERDTSTP
VAMVDLLQQLLLGDTLREPQRAQLTEWMTGGARGATAIAAGVPPGWRVADKAGTGGYGTTTDVAVLWPPSRAPIVLAVSF
TQPRADAAARADVVASAARIATGALTATA
;
_entity_poly.pdbx_strand_id   A
#
# COMPACT_ATOMS: atom_id res chain seq x y z
N ALA A 9 -1.76 5.39 -27.08
CA ALA A 9 -2.24 4.37 -26.13
C ALA A 9 -3.17 5.01 -25.10
N GLU A 10 -4.17 4.26 -24.65
CA GLU A 10 -5.19 4.83 -23.78
C GLU A 10 -4.61 5.33 -22.45
N LEU A 11 -3.72 4.55 -21.82
CA LEU A 11 -3.09 5.02 -20.57
C LEU A 11 -2.25 6.27 -20.82
N ALA A 12 -1.52 6.30 -21.93
CA ALA A 12 -0.72 7.49 -22.24
C ALA A 12 -1.60 8.71 -22.48
N ALA A 13 -2.75 8.53 -23.17
CA ALA A 13 -3.66 9.64 -23.40
C ALA A 13 -4.27 10.14 -22.08
N LEU A 14 -4.61 9.21 -21.18
CA LEU A 14 -5.15 9.61 -19.89
C LEU A 14 -4.12 10.44 -19.13
N GLU A 15 -2.87 9.97 -19.10
CA GLU A 15 -1.81 10.71 -18.46
C GLU A 15 -1.70 12.13 -19.02
N LYS A 16 -1.65 12.24 -20.34
CA LYS A 16 -1.53 13.57 -20.95
C LYS A 16 -2.70 14.47 -20.58
N ALA A 17 -3.93 13.94 -20.68
CA ALA A 17 -5.11 14.75 -20.39
C ALA A 17 -5.18 15.20 -18.94
N SER A 18 -4.52 14.49 -18.04
CA SER A 18 -4.60 14.73 -16.62
C SER A 18 -3.49 15.63 -16.06
N ASN A 19 -2.57 16.06 -16.91
CA ASN A 19 -1.54 17.02 -16.51
C ASN A 19 -0.68 16.47 -15.36
N GLY A 20 -0.21 15.24 -15.50
CA GLY A 20 0.74 14.71 -14.53
C GLY A 20 1.43 13.47 -15.08
N ARG A 21 2.07 12.76 -14.18
CA ARG A 21 2.88 11.58 -14.47
C ARG A 21 2.18 10.37 -13.86
N LEU A 22 1.86 9.40 -14.71
CA LEU A 22 1.11 8.21 -14.35
C LEU A 22 2.02 6.99 -14.45
N GLY A 23 1.99 6.14 -13.43
CA GLY A 23 2.69 4.87 -13.48
C GLY A 23 1.73 3.76 -13.11
N ILE A 24 1.78 2.67 -13.86
CA ILE A 24 0.91 1.53 -13.57
C ILE A 24 1.61 0.26 -13.98
N ALA A 25 1.48 -0.73 -13.11
CA ALA A 25 1.88 -2.10 -13.40
C ALA A 25 0.74 -3.01 -13.00
N VAL A 26 0.50 -4.04 -13.81
CA VAL A 26 -0.55 -5.03 -13.57
C VAL A 26 0.04 -6.39 -13.87
N LEU A 27 -0.39 -7.39 -13.08
CA LEU A 27 -0.06 -8.79 -13.31
C LEU A 27 -1.34 -9.60 -13.24
N ASP A 28 -1.61 -10.38 -14.28
CA ASP A 28 -2.73 -11.33 -14.29
C ASP A 28 -2.16 -12.68 -13.86
N THR A 29 -2.47 -13.10 -12.63
CA THR A 29 -1.86 -14.33 -12.13
C THR A 29 -2.45 -15.58 -12.78
N SER A 30 -3.53 -15.45 -13.57
CA SER A 30 -4.02 -16.62 -14.28
C SER A 30 -3.05 -17.07 -15.37
N ASN A 31 -2.32 -16.14 -16.00
CA ASN A 31 -1.58 -16.49 -17.20
C ASN A 31 -0.29 -15.71 -17.33
N GLY A 32 0.13 -14.98 -16.30
CA GLY A 32 1.39 -14.23 -16.32
C GLY A 32 1.37 -12.93 -17.08
N THR A 33 0.27 -12.54 -17.72
CA THR A 33 0.26 -11.32 -18.50
C THR A 33 0.57 -10.11 -17.64
N ARG A 34 1.42 -9.22 -18.14
CA ARG A 34 1.74 -7.96 -17.50
C ARG A 34 1.38 -6.79 -18.38
N ILE A 35 0.88 -5.72 -17.75
CA ILE A 35 0.67 -4.44 -18.39
C ILE A 35 1.57 -3.43 -17.68
N ALA A 36 2.19 -2.55 -18.44
CA ALA A 36 3.17 -1.62 -17.87
C ALA A 36 3.08 -0.26 -18.56
N HIS A 37 3.01 0.82 -17.77
CA HIS A 37 3.16 2.17 -18.28
C HIS A 37 3.97 2.93 -17.24
N HIS A 38 5.18 3.33 -17.60
CA HIS A 38 6.12 3.93 -16.65
C HIS A 38 6.32 3.02 -15.44
N ALA A 39 6.28 1.70 -15.67
CA ALA A 39 6.28 0.75 -14.56
C ALA A 39 7.65 0.61 -13.88
N ARG A 40 8.72 1.07 -14.52
CA ARG A 40 10.06 1.01 -13.97
CA ARG A 40 10.05 1.00 -13.96
C ARG A 40 10.56 2.37 -13.53
N GLU A 41 9.69 3.37 -13.45
CA GLU A 41 10.03 4.68 -12.91
C GLU A 41 9.60 4.74 -11.44
N ARG A 42 10.35 5.51 -10.65
CA ARG A 42 9.99 5.66 -9.24
C ARG A 42 8.82 6.62 -9.06
N PHE A 43 7.96 6.27 -8.11
CA PHE A 43 6.84 7.09 -7.67
C PHE A 43 6.77 7.04 -6.15
N PRO A 44 6.17 8.05 -5.54
CA PRO A 44 6.06 8.06 -4.07
C PRO A 44 5.21 6.90 -3.56
N LEU A 45 5.69 6.24 -2.51
CA LEU A 45 4.88 5.21 -1.85
C LEU A 45 3.64 5.78 -1.19
N CYS A 46 3.77 6.96 -0.57
CA CYS A 46 2.79 7.43 0.40
C CYS A 46 2.44 6.31 1.36
N GLY A 47 1.17 6.19 1.77
CA GLY A 47 0.82 5.21 2.80
C GLY A 47 0.85 3.76 2.36
N THR A 48 1.17 3.46 1.10
CA THR A 48 1.27 2.07 0.71
C THR A 48 2.41 1.32 1.41
N TYR A 49 3.38 2.03 2.03
CA TYR A 49 4.39 1.33 2.83
C TYR A 49 3.74 0.48 3.92
N ALA A 50 2.52 0.86 4.34
CA ALA A 50 1.86 0.19 5.46
C ALA A 50 1.70 -1.30 5.20
N VAL A 51 1.53 -1.70 3.93
CA VAL A 51 1.44 -3.12 3.63
C VAL A 51 2.70 -3.85 4.09
N VAL A 52 3.83 -3.27 3.78
CA VAL A 52 5.13 -3.88 4.12
C VAL A 52 5.36 -3.83 5.62
N ALA A 53 5.02 -2.71 6.27
CA ALA A 53 5.20 -2.65 7.72
C ALA A 53 4.35 -3.69 8.43
N ALA A 54 3.08 -3.83 8.02
CA ALA A 54 2.22 -4.85 8.61
C ALA A 54 2.74 -6.24 8.33
N ALA A 55 3.22 -6.50 7.14
CA ALA A 55 3.80 -7.79 6.84
C ALA A 55 5.00 -8.10 7.73
N ALA A 56 5.85 -7.10 7.97
CA ALA A 56 7.01 -7.32 8.83
C ALA A 56 6.59 -7.68 10.24
N ILE A 57 5.56 -6.99 10.76
CA ILE A 57 5.00 -7.33 12.07
C ILE A 57 4.48 -8.76 12.08
N LEU A 58 3.74 -9.15 11.05
CA LEU A 58 3.18 -10.50 11.00
C LEU A 58 4.28 -11.55 10.95
N ALA A 59 5.34 -11.30 10.17
CA ALA A 59 6.43 -12.26 10.09
C ALA A 59 7.05 -12.46 11.47
N ARG A 60 7.32 -11.36 12.18
CA ARG A 60 7.86 -11.47 13.54
C ARG A 60 6.90 -12.20 14.45
N GLY A 61 5.61 -11.90 14.34
CA GLY A 61 4.64 -12.47 15.23
C GLY A 61 4.45 -13.94 15.02
N SER A 62 4.84 -14.46 13.86
CA SER A 62 4.69 -15.89 13.68
CA SER A 62 4.76 -15.89 13.64
C SER A 62 5.66 -16.66 14.57
N LEU A 63 6.79 -16.06 14.96
CA LEU A 63 7.75 -16.68 15.86
C LEU A 63 7.66 -16.16 17.29
N ASP A 64 7.13 -14.98 17.51
CA ASP A 64 7.00 -14.37 18.83
C ASP A 64 5.51 -14.18 19.10
N ALA A 65 4.92 -15.14 19.81
CA ALA A 65 3.49 -15.10 20.07
C ALA A 65 3.09 -13.95 20.97
N SER A 66 4.04 -13.28 21.59
CA SER A 66 3.70 -12.12 22.41
C SER A 66 3.49 -10.84 21.61
N LEU A 67 3.85 -10.84 20.33
CA LEU A 67 3.96 -9.57 19.61
C LEU A 67 2.58 -8.98 19.28
N LEU A 68 1.74 -9.68 18.53
CA LEU A 68 0.47 -9.08 18.12
CA LEU A 68 0.47 -9.08 18.12
C LEU A 68 -0.39 -8.64 19.31
N PRO A 69 -0.47 -9.41 20.40
CA PRO A 69 -1.30 -8.95 21.53
C PRO A 69 -0.61 -7.91 22.40
N ARG A 70 0.67 -7.56 22.17
CA ARG A 70 1.38 -6.64 23.06
CA ARG A 70 1.38 -6.66 23.06
C ARG A 70 0.74 -5.27 23.03
N ARG A 71 0.50 -4.73 24.22
CA ARG A 71 -0.11 -3.40 24.37
C ARG A 71 0.96 -2.32 24.36
N ILE A 72 0.84 -1.36 23.45
CA ILE A 72 1.72 -0.22 23.33
C ILE A 72 1.06 0.96 24.02
N LEU A 73 1.74 1.50 25.02
CA LEU A 73 1.37 2.75 25.61
C LEU A 73 2.20 3.81 24.87
N TYR A 74 1.56 4.91 24.56
CA TYR A 74 2.24 5.95 23.81
C TYR A 74 1.85 7.32 24.33
N ARG A 75 2.72 8.29 24.03
CA ARG A 75 2.58 9.66 24.52
CA ARG A 75 2.57 9.66 24.51
C ARG A 75 1.56 10.39 23.65
N ARG A 76 0.68 11.11 24.29
CA ARG A 76 -0.42 11.76 23.59
C ARG A 76 0.10 12.86 22.68
N TYR A 77 0.91 13.75 23.25
CA TYR A 77 1.32 14.97 22.56
C TYR A 77 2.23 14.69 21.38
N GLU A 78 2.71 13.47 21.24
CA GLU A 78 3.51 13.05 20.10
C GLU A 78 2.74 12.40 18.94
N VAL A 79 1.43 12.16 19.10
CA VAL A 79 0.64 11.57 18.01
C VAL A 79 0.44 12.59 16.91
N VAL A 80 0.86 12.25 15.71
CA VAL A 80 0.75 13.23 14.64
C VAL A 80 -0.72 13.41 14.19
N ALA A 81 -0.99 14.55 13.56
CA ALA A 81 -2.28 14.74 12.89
C ALA A 81 -2.54 13.62 11.87
N GLY A 82 -3.81 13.31 11.64
CA GLY A 82 -4.16 12.21 10.76
C GLY A 82 -4.26 10.87 11.46
N SER A 83 -4.64 10.87 12.75
CA SER A 83 -4.58 9.68 13.59
C SER A 83 -5.88 9.47 14.32
N PRO A 84 -6.98 9.27 13.59
CA PRO A 84 -8.30 9.22 14.24
C PRO A 84 -8.43 8.08 15.25
N VAL A 85 -7.79 6.94 15.05
CA VAL A 85 -7.92 5.82 15.98
C VAL A 85 -6.96 5.96 17.15
N THR A 86 -5.68 6.20 16.89
CA THR A 86 -4.73 6.29 17.99
C THR A 86 -5.00 7.47 18.90
N GLU A 87 -5.55 8.57 18.37
CA GLU A 87 -5.92 9.69 19.20
CA GLU A 87 -5.89 9.68 19.23
C GLU A 87 -6.97 9.29 20.21
N SER A 88 -7.90 8.40 19.81
CA SER A 88 -9.02 8.01 20.65
C SER A 88 -8.63 7.02 21.75
N HIS A 89 -7.46 6.38 21.65
CA HIS A 89 -7.09 5.32 22.59
C HIS A 89 -5.86 5.69 23.41
N VAL A 90 -5.52 6.98 23.52
CA VAL A 90 -4.31 7.38 24.23
C VAL A 90 -4.33 6.89 25.68
N ASP A 91 -5.49 6.91 26.32
CA ASP A 91 -5.52 6.56 27.74
C ASP A 91 -5.29 5.07 27.96
N THR A 92 -5.71 4.23 27.03
CA THR A 92 -5.60 2.80 27.21
C THR A 92 -4.42 2.18 26.50
N GLY A 93 -3.82 2.88 25.54
CA GLY A 93 -2.91 2.23 24.62
C GLY A 93 -3.68 1.34 23.64
N MET A 94 -2.93 0.70 22.77
CA MET A 94 -3.48 -0.20 21.77
C MET A 94 -2.54 -1.38 21.60
N THR A 95 -3.11 -2.55 21.23
CA THR A 95 -2.22 -3.67 20.91
C THR A 95 -1.62 -3.49 19.52
N ILE A 96 -0.53 -4.23 19.29
CA ILE A 96 0.11 -4.21 17.99
C ILE A 96 -0.88 -4.62 16.87
N ALA A 97 -1.71 -5.63 17.12
CA ALA A 97 -2.69 -6.03 16.11
C ALA A 97 -3.67 -4.89 15.84
N GLN A 98 -4.12 -4.21 16.90
CA GLN A 98 -5.04 -3.10 16.72
C GLN A 98 -4.38 -1.96 15.95
N LEU A 99 -3.10 -1.70 16.21
CA LEU A 99 -2.38 -0.67 15.47
C LEU A 99 -2.28 -1.04 13.98
N CYS A 100 -2.02 -2.31 13.68
CA CYS A 100 -1.96 -2.74 12.28
C CYS A 100 -3.28 -2.47 11.57
N ALA A 101 -4.38 -2.83 12.22
CA ALA A 101 -5.68 -2.59 11.66
C ALA A 101 -5.92 -1.10 11.43
N ALA A 102 -5.62 -0.26 12.41
CA ALA A 102 -5.83 1.18 12.25
C ALA A 102 -4.98 1.77 11.14
N MET A 103 -3.73 1.36 11.05
CA MET A 103 -2.84 1.84 10.00
C MET A 103 -3.41 1.48 8.64
N LEU A 104 -3.83 0.22 8.45
CA LEU A 104 -4.25 -0.27 7.13
C LEU A 104 -5.66 0.17 6.77
N GLN A 105 -6.59 0.12 7.72
CA GLN A 105 -7.97 0.41 7.43
C GLN A 105 -8.31 1.88 7.51
N SER A 106 -7.65 2.66 8.38
CA SER A 106 -7.99 4.04 8.59
C SER A 106 -6.88 4.97 8.16
N GLY A 107 -5.74 4.44 7.69
CA GLY A 107 -4.63 5.32 7.34
C GLY A 107 -4.14 6.12 8.53
N ASP A 108 -4.18 5.51 9.72
CA ASP A 108 -3.83 6.21 10.95
C ASP A 108 -2.33 6.43 11.01
N LYS A 109 -1.91 7.70 10.94
CA LYS A 109 -0.49 8.02 10.80
C LYS A 109 0.26 7.73 12.09
N GLY A 110 -0.35 8.03 13.25
CA GLY A 110 0.26 7.69 14.51
C GLY A 110 0.49 6.20 14.65
N ALA A 111 -0.46 5.39 14.17
CA ALA A 111 -0.27 3.93 14.19
C ALA A 111 0.91 3.51 13.33
N GLY A 112 1.03 4.11 12.15
CA GLY A 112 2.19 3.82 11.32
C GLY A 112 3.49 4.17 12.00
N ASN A 113 3.58 5.34 12.65
CA ASN A 113 4.82 5.67 13.36
C ASN A 113 5.05 4.71 14.52
N LEU A 114 4.00 4.36 15.26
CA LEU A 114 4.22 3.47 16.41
C LEU A 114 4.71 2.11 15.94
N LEU A 115 4.13 1.58 14.85
CA LEU A 115 4.58 0.28 14.34
C LEU A 115 5.98 0.38 13.77
N MET A 116 6.30 1.49 13.10
CA MET A 116 7.69 1.64 12.68
C MET A 116 8.64 1.68 13.86
N ARG A 117 8.25 2.32 14.94
CA ARG A 117 9.09 2.28 16.12
C ARG A 117 9.27 0.86 16.66
N VAL A 118 8.19 0.08 16.72
CA VAL A 118 8.30 -1.33 17.11
C VAL A 118 9.32 -2.05 16.24
N LEU A 119 9.29 -1.80 14.93
CA LEU A 119 10.12 -2.51 13.98
C LEU A 119 11.58 -2.05 13.98
N GLY A 120 11.86 -0.80 14.38
CA GLY A 120 13.18 -0.22 14.25
C GLY A 120 13.31 0.90 13.25
N GLY A 121 12.18 1.44 12.77
CA GLY A 121 12.17 2.63 11.96
C GLY A 121 11.87 2.33 10.51
N PRO A 122 11.76 3.40 9.70
CA PRO A 122 11.57 3.20 8.25
C PRO A 122 12.59 2.29 7.62
N GLN A 123 13.82 2.32 8.13
CA GLN A 123 14.85 1.44 7.60
C GLN A 123 14.53 -0.04 7.83
N ALA A 124 13.79 -0.36 8.90
CA ALA A 124 13.42 -1.75 9.14
C ALA A 124 12.33 -2.19 8.18
N VAL A 125 11.44 -1.29 7.77
CA VAL A 125 10.46 -1.62 6.75
C VAL A 125 11.18 -1.91 5.43
N THR A 126 12.15 -1.05 5.07
CA THR A 126 12.93 -1.26 3.86
C THR A 126 13.66 -2.59 3.91
N SER A 127 14.30 -2.88 5.06
CA SER A 127 15.03 -4.14 5.19
CA SER A 127 15.03 -4.14 5.20
C SER A 127 14.11 -5.33 4.98
N PHE A 128 12.89 -5.28 5.52
CA PHE A 128 11.97 -6.39 5.31
C PHE A 128 11.61 -6.52 3.84
N ALA A 129 11.34 -5.41 3.14
CA ALA A 129 11.10 -5.51 1.71
C ALA A 129 12.25 -6.19 0.99
N HIS A 130 13.47 -5.81 1.34
CA HIS A 130 14.65 -6.33 0.67
C HIS A 130 14.84 -7.79 0.94
N GLU A 131 14.59 -8.24 2.17
CA GLU A 131 14.87 -9.61 2.50
C GLU A 131 13.79 -10.45 1.91
N SER A 132 12.69 -9.80 1.59
CA SER A 132 11.61 -10.43 0.88
CA SER A 132 11.61 -10.44 0.87
C SER A 132 11.80 -10.40 -0.64
N GLY A 133 12.92 -9.86 -1.13
CA GLY A 133 13.25 -9.93 -2.55
C GLY A 133 13.12 -8.62 -3.36
N ASP A 134 12.68 -7.54 -2.75
CA ASP A 134 12.44 -6.26 -3.44
C ASP A 134 13.59 -5.33 -3.11
N THR A 135 14.58 -5.22 -4.05
CA THR A 135 15.74 -4.32 -3.97
C THR A 135 15.45 -2.86 -4.43
N VAL A 136 14.22 -2.53 -4.76
CA VAL A 136 13.84 -1.22 -5.29
C VAL A 136 13.16 -0.35 -4.22
N PHE A 137 12.23 -0.94 -3.48
CA PHE A 137 11.49 -0.24 -2.44
C PHE A 137 12.43 0.48 -1.50
N ARG A 138 12.12 1.72 -1.15
CA ARG A 138 12.84 2.37 -0.07
C ARG A 138 11.88 3.27 0.69
N LEU A 139 11.80 3.06 2.00
CA LEU A 139 11.12 3.94 2.94
C LEU A 139 12.19 4.58 3.81
N ASP A 140 12.19 5.91 3.85
CA ASP A 140 13.24 6.70 4.45
C ASP A 140 12.80 7.54 5.62
N ARG A 141 11.55 8.01 5.62
CA ARG A 141 11.07 8.98 6.58
C ARG A 141 9.88 8.46 7.36
N TRP A 142 9.51 9.21 8.39
CA TRP A 142 8.37 8.92 9.25
C TRP A 142 7.13 9.65 8.73
N GLU A 143 5.97 9.34 9.34
CA GLU A 143 4.77 10.10 9.04
C GLU A 143 4.86 11.47 9.72
N PRO A 144 4.41 12.56 9.05
CA PRO A 144 3.84 12.59 7.69
C PRO A 144 4.83 12.95 6.59
N GLU A 145 6.10 13.24 6.91
CA GLU A 145 7.06 13.71 5.90
C GLU A 145 7.30 12.70 4.78
N LEU A 146 7.10 11.41 5.04
CA LEU A 146 7.32 10.44 3.98
C LEU A 146 6.39 10.65 2.80
N ASN A 147 5.30 11.43 2.97
CA ASN A 147 4.35 11.70 1.89
C ASN A 147 4.59 13.01 1.16
N LEU A 148 5.71 13.67 1.41
CA LEU A 148 5.90 14.97 0.76
C LEU A 148 5.97 14.87 -0.76
N ALA A 149 6.49 13.77 -1.29
CA ALA A 149 6.34 13.46 -2.70
C ALA A 149 6.95 14.50 -3.63
N ALA A 150 8.10 15.05 -3.24
CA ALA A 150 8.70 16.09 -4.08
C ALA A 150 9.17 15.51 -5.42
N PRO A 151 9.09 16.30 -6.48
CA PRO A 151 9.53 15.83 -7.80
C PRO A 151 11.01 15.48 -7.78
N GLY A 152 11.35 14.33 -8.34
CA GLY A 152 12.74 13.96 -8.42
C GLY A 152 13.29 13.31 -7.16
N ASP A 153 12.55 13.31 -6.06
CA ASP A 153 13.10 12.80 -4.81
C ASP A 153 12.92 11.27 -4.79
N GLU A 154 14.02 10.54 -4.62
CA GLU A 154 13.91 9.09 -4.58
C GLU A 154 13.60 8.57 -3.18
N ARG A 155 13.61 9.41 -2.15
CA ARG A 155 13.20 8.90 -0.85
C ARG A 155 11.75 8.44 -0.87
N ASP A 156 11.44 7.38 -0.10
CA ASP A 156 10.04 6.99 0.09
C ASP A 156 9.38 6.66 -1.24
N THR A 157 10.06 5.90 -2.08
CA THR A 157 9.59 5.52 -3.41
C THR A 157 9.71 4.02 -3.67
N SER A 158 8.98 3.59 -4.67
CA SER A 158 9.25 2.33 -5.36
C SER A 158 8.83 2.49 -6.80
N THR A 159 8.92 1.43 -7.59
CA THR A 159 8.39 1.47 -8.95
C THR A 159 7.11 0.67 -9.00
N PRO A 160 6.20 0.96 -9.93
CA PRO A 160 4.97 0.18 -9.99
C PRO A 160 5.21 -1.31 -10.11
N VAL A 161 6.15 -1.73 -10.96
CA VAL A 161 6.36 -3.18 -11.11
C VAL A 161 6.92 -3.80 -9.84
N ALA A 162 7.83 -3.09 -9.14
CA ALA A 162 8.33 -3.62 -7.88
C ALA A 162 7.20 -3.73 -6.87
N MET A 163 6.30 -2.76 -6.86
CA MET A 163 5.15 -2.77 -5.96
CA MET A 163 5.20 -2.84 -5.92
C MET A 163 4.26 -3.99 -6.23
N VAL A 164 3.98 -4.27 -7.52
CA VAL A 164 3.19 -5.45 -7.87
C VAL A 164 3.89 -6.70 -7.38
N ASP A 165 5.17 -6.82 -7.70
CA ASP A 165 5.86 -8.06 -7.38
C ASP A 165 5.96 -8.27 -5.87
N LEU A 166 6.19 -7.21 -5.10
CA LEU A 166 6.25 -7.35 -3.67
C LEU A 166 4.87 -7.66 -3.10
N LEU A 167 3.83 -6.94 -3.56
CA LEU A 167 2.50 -7.20 -3.05
C LEU A 167 2.12 -8.64 -3.31
N GLN A 168 2.39 -9.16 -4.52
CA GLN A 168 2.06 -10.54 -4.80
C GLN A 168 2.80 -11.48 -3.87
N GLN A 169 4.09 -11.23 -3.63
CA GLN A 169 4.83 -12.10 -2.70
CA GLN A 169 4.83 -12.09 -2.73
C GLN A 169 4.23 -12.07 -1.33
N LEU A 170 3.86 -10.88 -0.83
CA LEU A 170 3.34 -10.78 0.53
C LEU A 170 1.96 -11.39 0.68
N LEU A 171 1.05 -11.14 -0.26
CA LEU A 171 -0.32 -11.61 -0.12
CA LEU A 171 -0.31 -11.64 -0.08
C LEU A 171 -0.51 -13.02 -0.67
N LEU A 172 0.33 -13.46 -1.64
CA LEU A 172 0.08 -14.67 -2.40
C LEU A 172 1.28 -15.58 -2.47
N GLY A 173 2.41 -15.22 -1.88
CA GLY A 173 3.66 -15.98 -1.89
C GLY A 173 3.93 -16.68 -0.59
N ASP A 174 5.20 -16.89 -0.27
CA ASP A 174 5.63 -17.65 0.91
CA ASP A 174 5.50 -17.61 0.97
C ASP A 174 6.36 -16.81 1.94
N THR A 175 6.46 -15.49 1.75
CA THR A 175 7.14 -14.66 2.74
C THR A 175 6.50 -14.85 4.10
N LEU A 176 5.17 -14.90 4.13
CA LEU A 176 4.38 -15.12 5.33
C LEU A 176 3.73 -16.48 5.26
N ARG A 177 3.54 -17.08 6.43
CA ARG A 177 2.75 -18.29 6.53
C ARG A 177 1.30 -17.99 6.14
N GLU A 178 0.57 -19.02 5.73
CA GLU A 178 -0.76 -18.78 5.18
C GLU A 178 -1.72 -18.06 6.13
N PRO A 179 -1.77 -18.34 7.44
CA PRO A 179 -2.69 -17.57 8.30
C PRO A 179 -2.32 -16.09 8.35
N GLN A 180 -1.03 -15.78 8.27
CA GLN A 180 -0.57 -14.39 8.26
C GLN A 180 -0.91 -13.72 6.95
N ARG A 181 -0.79 -14.44 5.81
CA ARG A 181 -1.24 -13.85 4.54
CA ARG A 181 -1.25 -13.90 4.52
C ARG A 181 -2.72 -13.55 4.62
N ALA A 182 -3.50 -14.46 5.22
CA ALA A 182 -4.93 -14.23 5.36
C ALA A 182 -5.21 -13.01 6.24
N GLN A 183 -4.48 -12.84 7.32
CA GLN A 183 -4.70 -11.70 8.20
C GLN A 183 -4.38 -10.39 7.47
N LEU A 184 -3.25 -10.36 6.75
CA LEU A 184 -2.89 -9.15 6.04
C LEU A 184 -3.95 -8.81 5.00
N THR A 185 -4.40 -9.84 4.30
CA THR A 185 -5.45 -9.66 3.29
C THR A 185 -6.72 -9.10 3.93
N GLU A 186 -7.11 -9.63 5.09
CA GLU A 186 -8.32 -9.17 5.76
C GLU A 186 -8.18 -7.72 6.18
N TRP A 187 -7.03 -7.33 6.74
CA TRP A 187 -6.85 -5.92 7.10
C TRP A 187 -6.97 -5.01 5.89
N MET A 188 -6.58 -5.50 4.70
CA MET A 188 -6.66 -4.70 3.48
C MET A 188 -8.02 -4.77 2.80
N THR A 189 -8.93 -5.59 3.29
CA THR A 189 -10.24 -5.71 2.67
CA THR A 189 -10.23 -5.67 2.65
C THR A 189 -11.30 -5.01 3.46
N GLY A 190 -11.21 -5.09 4.75
CA GLY A 190 -12.18 -4.51 5.64
C GLY A 190 -11.96 -3.03 5.84
N GLY A 191 -12.78 -2.50 6.75
CA GLY A 191 -12.88 -1.07 6.91
C GLY A 191 -13.93 -0.52 5.96
N ALA A 192 -14.09 0.80 6.04
CA ALA A 192 -14.92 1.53 5.07
C ALA A 192 -14.08 2.70 4.58
N ARG A 193 -13.28 3.26 5.48
CA ARG A 193 -12.27 4.24 5.10
C ARG A 193 -11.04 3.59 4.48
N GLY A 194 -11.08 2.29 4.16
CA GLY A 194 -9.92 1.58 3.67
C GLY A 194 -9.79 1.37 2.15
N ALA A 195 -10.69 1.94 1.33
CA ALA A 195 -10.70 1.69 -0.11
C ALA A 195 -9.83 2.68 -0.91
N THR A 196 -9.31 2.20 -2.05
CA THR A 196 -8.49 2.98 -2.97
C THR A 196 -9.34 3.58 -4.08
N ALA A 197 -8.73 4.53 -4.81
CA ALA A 197 -9.25 4.93 -6.12
C ALA A 197 -9.29 3.73 -7.08
N ILE A 198 -8.32 2.83 -7.00
CA ILE A 198 -8.39 1.59 -7.77
C ILE A 198 -9.76 0.96 -7.64
N ALA A 199 -10.24 0.83 -6.40
CA ALA A 199 -11.49 0.14 -6.16
C ALA A 199 -12.67 0.78 -6.88
N ALA A 200 -12.64 2.09 -7.11
CA ALA A 200 -13.72 2.74 -7.86
C ALA A 200 -13.69 2.41 -9.34
N GLY A 201 -12.58 1.93 -9.88
CA GLY A 201 -12.49 1.63 -11.30
C GLY A 201 -12.64 0.16 -11.63
N VAL A 202 -12.81 -0.70 -10.64
CA VAL A 202 -12.87 -2.11 -10.98
C VAL A 202 -14.32 -2.56 -10.96
N PRO A 203 -14.63 -3.62 -11.70
CA PRO A 203 -16.01 -4.02 -11.83
C PRO A 203 -16.61 -4.31 -10.47
N PRO A 204 -17.85 -3.91 -10.25
CA PRO A 204 -18.50 -4.28 -8.99
C PRO A 204 -18.61 -5.79 -8.93
N GLY A 205 -18.58 -6.30 -7.71
CA GLY A 205 -18.59 -7.72 -7.53
C GLY A 205 -17.23 -8.33 -7.35
N TRP A 206 -16.16 -7.66 -7.82
CA TRP A 206 -14.82 -8.17 -7.60
C TRP A 206 -14.42 -7.89 -6.17
N ARG A 207 -13.74 -8.85 -5.55
CA ARG A 207 -13.20 -8.66 -4.22
C ARG A 207 -11.89 -7.89 -4.32
N VAL A 208 -11.67 -6.96 -3.39
CA VAL A 208 -10.53 -6.06 -3.42
C VAL A 208 -9.84 -6.04 -2.07
N ALA A 209 -8.53 -6.28 -2.09
CA ALA A 209 -7.67 -6.04 -0.94
C ALA A 209 -6.72 -4.93 -1.36
N ASP A 210 -6.79 -3.78 -0.70
CA ASP A 210 -6.08 -2.61 -1.21
C ASP A 210 -5.56 -1.73 -0.09
N LYS A 211 -4.58 -0.89 -0.43
CA LYS A 211 -4.13 0.18 0.45
C LYS A 211 -3.89 1.42 -0.40
N ALA A 212 -4.50 2.51 0.01
CA ALA A 212 -4.41 3.83 -0.61
C ALA A 212 -3.28 4.62 0.01
N GLY A 213 -2.77 5.53 -0.75
CA GLY A 213 -1.81 6.49 -0.28
C GLY A 213 -2.02 7.83 -0.94
N THR A 214 -1.80 8.92 -0.22
CA THR A 214 -1.86 10.26 -0.78
C THR A 214 -0.70 11.09 -0.23
N GLY A 215 -0.34 12.14 -0.95
CA GLY A 215 0.76 12.97 -0.53
C GLY A 215 0.72 14.35 -1.19
N GLY A 216 1.84 15.06 -1.03
CA GLY A 216 2.01 16.34 -1.70
C GLY A 216 2.04 16.18 -3.21
N TYR A 217 2.09 17.31 -3.92
CA TYR A 217 2.13 17.30 -5.38
C TYR A 217 0.95 16.55 -5.96
N GLY A 218 -0.19 16.61 -5.29
CA GLY A 218 -1.38 15.98 -5.83
C GLY A 218 -1.18 14.49 -6.08
N THR A 219 -0.44 13.79 -5.21
CA THR A 219 -0.06 12.41 -5.45
C THR A 219 -1.09 11.45 -4.86
N THR A 220 -1.45 10.44 -5.66
CA THR A 220 -2.19 9.28 -5.19
C THR A 220 -1.39 8.05 -5.60
N THR A 221 -1.18 7.13 -4.68
CA THR A 221 -0.53 5.85 -4.97
C THR A 221 -1.36 4.79 -4.30
N ASP A 222 -1.79 3.79 -5.06
CA ASP A 222 -2.68 2.75 -4.58
C ASP A 222 -2.14 1.40 -5.03
N VAL A 223 -2.24 0.40 -4.16
CA VAL A 223 -1.87 -0.97 -4.50
C VAL A 223 -3.04 -1.89 -4.16
N ALA A 224 -3.25 -2.92 -4.98
CA ALA A 224 -4.38 -3.79 -4.74
C ALA A 224 -4.15 -5.17 -5.32
N VAL A 225 -4.81 -6.15 -4.69
CA VAL A 225 -5.09 -7.46 -5.28
C VAL A 225 -6.58 -7.53 -5.50
N LEU A 226 -6.95 -7.96 -6.71
CA LEU A 226 -8.34 -8.01 -7.17
C LEU A 226 -8.69 -9.44 -7.52
N TRP A 227 -9.87 -9.87 -7.06
CA TRP A 227 -10.35 -11.21 -7.40
C TRP A 227 -11.65 -11.06 -8.17
N PRO A 228 -11.63 -11.23 -9.49
CA PRO A 228 -12.89 -11.37 -10.23
C PRO A 228 -13.56 -12.66 -9.83
N PRO A 229 -14.86 -12.81 -10.03
CA PRO A 229 -15.53 -14.04 -9.61
C PRO A 229 -14.92 -15.23 -10.31
N SER A 230 -14.63 -16.27 -9.53
CA SER A 230 -14.21 -17.56 -10.07
C SER A 230 -12.96 -17.45 -10.94
N ARG A 231 -12.05 -16.52 -10.60
CA ARG A 231 -10.85 -16.29 -11.40
C ARG A 231 -9.65 -16.02 -10.49
N ALA A 232 -8.44 -16.43 -10.95
CA ALA A 232 -7.22 -16.10 -10.23
C ALA A 232 -7.06 -14.58 -10.17
N PRO A 233 -6.35 -14.07 -9.18
CA PRO A 233 -6.35 -12.63 -8.93
C PRO A 233 -5.47 -11.86 -9.92
N ILE A 234 -5.72 -10.56 -9.90
CA ILE A 234 -4.98 -9.57 -10.65
C ILE A 234 -4.33 -8.64 -9.63
N VAL A 235 -3.05 -8.39 -9.79
CA VAL A 235 -2.28 -7.55 -8.88
C VAL A 235 -1.97 -6.24 -9.60
N LEU A 236 -2.18 -5.11 -8.93
CA LEU A 236 -2.14 -3.79 -9.56
CA LEU A 236 -1.82 -3.88 -9.60
C LEU A 236 -1.43 -2.78 -8.65
N ALA A 237 -0.60 -1.91 -9.20
CA ALA A 237 -0.08 -0.75 -8.51
C ALA A 237 -0.22 0.42 -9.45
N VAL A 238 -0.74 1.53 -8.94
CA VAL A 238 -0.95 2.73 -9.76
C VAL A 238 -0.53 3.95 -8.95
N SER A 239 0.21 4.86 -9.59
CA SER A 239 0.52 6.14 -8.96
C SER A 239 0.32 7.26 -9.96
N PHE A 240 -0.13 8.40 -9.47
CA PHE A 240 -0.26 9.60 -10.27
C PHE A 240 0.28 10.75 -9.43
N THR A 241 1.14 11.58 -10.03
CA THR A 241 1.73 12.69 -9.32
C THR A 241 1.87 13.87 -10.27
N GLN A 242 1.82 15.09 -9.74
CA GLN A 242 1.62 16.27 -10.57
C GLN A 242 2.72 17.29 -10.36
N PRO A 243 2.87 18.24 -11.28
CA PRO A 243 4.03 19.15 -11.20
C PRO A 243 3.94 20.20 -10.11
N ARG A 244 2.74 20.66 -9.76
CA ARG A 244 2.52 21.76 -8.80
CA ARG A 244 2.67 21.74 -8.80
C ARG A 244 2.47 21.19 -7.40
N ALA A 245 3.16 21.81 -6.45
CA ALA A 245 3.07 21.41 -5.07
C ALA A 245 1.66 21.49 -4.58
N ASP A 246 0.90 22.44 -5.12
CA ASP A 246 -0.47 22.69 -4.68
C ASP A 246 -1.51 22.02 -5.59
N ALA A 247 -1.14 21.00 -6.35
CA ALA A 247 -2.12 20.36 -7.24
C ALA A 247 -3.12 19.56 -6.43
N ALA A 248 -4.38 19.56 -6.88
CA ALA A 248 -5.40 18.72 -6.27
C ALA A 248 -5.21 17.28 -6.73
N ALA A 249 -5.37 16.34 -5.81
CA ALA A 249 -5.30 14.93 -6.17
C ALA A 249 -6.37 14.56 -7.19
N ARG A 250 -6.08 13.52 -7.94
CA ARG A 250 -6.94 13.02 -9.00
C ARG A 250 -7.21 11.53 -8.78
N ALA A 251 -8.00 11.22 -7.75
CA ALA A 251 -8.41 9.83 -7.54
C ALA A 251 -9.12 9.28 -8.75
N ASP A 252 -9.82 10.12 -9.50
CA ASP A 252 -10.55 9.66 -10.68
C ASP A 252 -9.60 9.15 -11.76
N VAL A 253 -8.39 9.71 -11.83
CA VAL A 253 -7.43 9.27 -12.83
C VAL A 253 -6.91 7.89 -12.48
N VAL A 254 -6.63 7.66 -11.20
CA VAL A 254 -6.22 6.33 -10.76
C VAL A 254 -7.32 5.31 -11.03
N ALA A 255 -8.59 5.69 -10.75
CA ALA A 255 -9.71 4.78 -11.02
C ALA A 255 -9.80 4.47 -12.51
N SER A 256 -9.64 5.50 -13.37
CA SER A 256 -9.68 5.28 -14.81
CA SER A 256 -9.68 5.28 -14.81
C SER A 256 -8.57 4.35 -15.27
N ALA A 257 -7.36 4.54 -14.74
CA ALA A 257 -6.26 3.65 -15.10
C ALA A 257 -6.58 2.20 -14.72
N ALA A 258 -7.16 2.00 -13.53
CA ALA A 258 -7.56 0.67 -13.11
C ALA A 258 -8.64 0.08 -14.04
N ARG A 259 -9.62 0.91 -14.42
CA ARG A 259 -10.66 0.44 -15.32
C ARG A 259 -10.04 -0.02 -16.63
N ILE A 260 -9.16 0.80 -17.19
CA ILE A 260 -8.53 0.46 -18.46
C ILE A 260 -7.80 -0.87 -18.34
N ALA A 261 -6.95 -1.01 -17.33
CA ALA A 261 -6.13 -2.20 -17.24
C ALA A 261 -6.96 -3.44 -16.95
N THR A 262 -7.91 -3.36 -16.03
CA THR A 262 -8.75 -4.53 -15.75
C THR A 262 -9.61 -4.92 -16.94
N GLY A 263 -10.13 -3.95 -17.67
CA GLY A 263 -10.89 -4.26 -18.86
C GLY A 263 -10.04 -4.95 -19.89
N ALA A 264 -8.77 -4.56 -20.01
CA ALA A 264 -7.88 -5.19 -20.96
C ALA A 264 -7.65 -6.66 -20.63
N LEU A 265 -7.70 -7.01 -19.37
CA LEU A 265 -7.50 -8.40 -18.95
C LEU A 265 -8.80 -9.20 -18.93
N THR A 266 -9.95 -8.57 -19.18
CA THR A 266 -11.26 -9.23 -19.30
C THR A 266 -11.77 -9.31 -20.75
N ALA A 267 -10.96 -8.91 -21.72
CA ALA A 267 -11.35 -9.01 -23.12
C ALA A 267 -11.38 -10.46 -23.61
N THR A 268 -12.34 -10.74 -24.50
CA THR A 268 -12.40 -12.00 -25.24
C THR A 268 -11.60 -11.87 -26.55
N ALA A 269 -11.62 -12.93 -27.36
CA ALA A 269 -10.89 -12.92 -28.64
C ALA A 269 -11.80 -13.26 -29.82
#